data_2DRA
#
_entry.id   2DRA
#
_cell.length_a   58.169
_cell.length_b   58.169
_cell.length_c   427.452
_cell.angle_alpha   90.00
_cell.angle_beta   90.00
_cell.angle_gamma   90.00
#
_symmetry.space_group_name_H-M   'P 43 21 2'
#
loop_
_entity.id
_entity.type
_entity.pdbx_description
1 polymer 'tRNA (34-MER)'
2 polymer 'CCA-adding enzyme'
3 non-polymer 'MAGNESIUM ION'
4 non-polymer 'SULFATE ION'
5 non-polymer "ADENOSINE-5'-TRIPHOSPHATE"
6 water water
#
loop_
_entity_poly.entity_id
_entity_poly.type
_entity_poly.pdbx_seq_one_letter_code
_entity_poly.pdbx_strand_id
1 'polyribonucleotide' GGCCCGGGGCGGUUCGAUUCCGCCCUGGGCCACC B
2 'polypeptide(L)'
;MKVEEILEKALELVIPDEEEVRKGREAEEELRRRLDELGVEYVFVGSYARNTWLKGSLEIDVFLLFPEEFSKEELRERGL
EIGKAVLDSYEIRYAEHPYVHGVVKGVEVDVVPCYKLKEPKNIKSAVDRTPFHHKWLEGRIKGKENEVRLLKGFLKANGI
YGAEYKVRGFSGYLCELLIVFYGSFLETVKNARRWTRRTVIDVAKGEVRKGEEFFVVDPVDEKRNVAANLSLDNLARFVH
LCREFMEAPSLGFFKPKHPLEIEPERLRKIVEERGTAVFAVKFRKPDIVDDNLYPQLERASRKIFEFLERENFMPLRSAF
KASEEFCYLLFECQIKEISRVFRRMGPQFEDERNVKKFLSRNRAFRPFIENGRWWAFEMRKFTTPEEGVRSYASTHWHTL
GKNVGESIREYFEIISGEKLFKEPVTAELCEMMGVKD
;
A
#
# COMPACT_ATOMS: atom_id res chain seq x y z
N MET B 1 24.17 22.03 -9.24
CA MET B 1 22.96 21.14 -9.27
C MET B 1 21.66 21.93 -9.37
N LYS B 2 21.20 22.19 -10.59
CA LYS B 2 19.93 22.90 -10.81
C LYS B 2 18.93 21.92 -11.44
N VAL B 3 17.65 22.20 -11.28
CA VAL B 3 16.59 21.35 -11.83
C VAL B 3 16.84 20.96 -13.28
N GLU B 4 17.08 21.95 -14.12
CA GLU B 4 17.32 21.76 -15.55
C GLU B 4 18.39 20.69 -15.82
N GLU B 5 19.60 20.94 -15.31
CA GLU B 5 20.71 20.02 -15.50
C GLU B 5 20.43 18.67 -14.84
N ILE B 6 19.74 18.69 -13.70
CA ILE B 6 19.40 17.47 -12.98
C ILE B 6 18.38 16.63 -13.77
N LEU B 7 17.33 17.28 -14.26
CA LEU B 7 16.30 16.58 -15.02
C LEU B 7 16.90 15.96 -16.27
N GLU B 8 17.97 16.59 -16.77
CA GLU B 8 18.67 16.10 -17.94
C GLU B 8 19.43 14.80 -17.62
N LYS B 9 20.15 14.80 -16.50
CA LYS B 9 20.89 13.61 -16.08
C LYS B 9 19.93 12.49 -15.69
N ALA B 10 18.79 12.87 -15.12
CA ALA B 10 17.77 11.93 -14.70
C ALA B 10 17.26 11.04 -15.82
N LEU B 11 17.18 11.58 -17.03
CA LEU B 11 16.70 10.81 -18.18
C LEU B 11 17.53 9.56 -18.41
N GLU B 12 18.76 9.59 -17.93
CA GLU B 12 19.67 8.46 -18.09
C GLU B 12 19.30 7.30 -17.18
N LEU B 13 18.54 7.59 -16.14
CA LEU B 13 18.14 6.56 -15.20
C LEU B 13 16.75 6.03 -15.49
N VAL B 14 15.91 6.85 -16.11
CA VAL B 14 14.53 6.45 -16.42
C VAL B 14 14.30 5.92 -17.82
N ILE B 15 15.00 6.45 -18.82
CA ILE B 15 14.82 6.00 -20.19
C ILE B 15 15.57 4.72 -20.54
N PRO B 16 14.86 3.74 -21.11
CA PRO B 16 15.44 2.46 -21.52
C PRO B 16 16.43 2.60 -22.67
N ASP B 17 17.53 1.87 -22.59
CA ASP B 17 18.56 1.92 -23.64
C ASP B 17 18.07 1.17 -24.88
N GLU B 18 18.69 1.45 -26.02
CA GLU B 18 18.35 0.83 -27.28
C GLU B 18 18.25 -0.70 -27.21
N GLU B 19 19.04 -1.32 -26.34
CA GLU B 19 19.01 -2.79 -26.22
C GLU B 19 17.77 -3.29 -25.49
N GLU B 20 17.36 -2.59 -24.43
CA GLU B 20 16.18 -3.00 -23.69
C GLU B 20 14.95 -2.82 -24.57
N VAL B 21 14.92 -1.72 -25.32
CA VAL B 21 13.82 -1.42 -26.23
C VAL B 21 13.73 -2.49 -27.31
N ARG B 22 14.89 -2.98 -27.74
CA ARG B 22 14.95 -4.00 -28.78
C ARG B 22 14.43 -5.31 -28.21
N LYS B 23 14.81 -5.57 -26.96
CA LYS B 23 14.40 -6.78 -26.28
C LYS B 23 12.87 -6.77 -26.17
N GLY B 24 12.31 -5.59 -25.91
CA GLY B 24 10.87 -5.45 -25.80
C GLY B 24 10.17 -5.67 -27.13
N ARG B 25 10.67 -5.03 -28.18
CA ARG B 25 10.11 -5.15 -29.52
C ARG B 25 10.16 -6.60 -30.01
N GLU B 26 11.28 -7.26 -29.73
CA GLU B 26 11.48 -8.64 -30.15
C GLU B 26 10.48 -9.56 -29.44
N ALA B 27 10.22 -9.26 -28.17
CA ALA B 27 9.27 -10.03 -27.38
C ALA B 27 7.85 -9.76 -27.87
N GLU B 28 7.59 -8.50 -28.22
CA GLU B 28 6.29 -8.09 -28.73
C GLU B 28 6.01 -8.89 -29.99
N GLU B 29 6.97 -8.87 -30.91
CA GLU B 29 6.82 -9.58 -32.17
C GLU B 29 6.48 -11.05 -31.94
N GLU B 30 7.17 -11.69 -31.00
CA GLU B 30 6.90 -13.11 -30.74
C GLU B 30 5.49 -13.34 -30.19
N LEU B 31 5.01 -12.43 -29.35
CA LEU B 31 3.66 -12.54 -28.79
C LEU B 31 2.63 -12.57 -29.93
N ARG B 32 2.74 -11.62 -30.85
CA ARG B 32 1.82 -11.54 -31.99
C ARG B 32 1.79 -12.87 -32.71
N ARG B 33 2.97 -13.37 -33.04
CA ARG B 33 3.08 -14.63 -33.76
C ARG B 33 2.39 -15.79 -33.05
N ARG B 34 2.58 -15.89 -31.74
CA ARG B 34 1.97 -16.97 -30.97
C ARG B 34 0.47 -16.79 -30.88
N LEU B 35 0.03 -15.54 -30.72
CA LEU B 35 -1.40 -15.26 -30.62
C LEU B 35 -2.08 -15.40 -31.97
N ASP B 36 -1.42 -14.93 -33.03
CA ASP B 36 -1.99 -15.00 -34.37
C ASP B 36 -2.19 -16.46 -34.81
N GLU B 37 -1.27 -17.33 -34.41
CA GLU B 37 -1.36 -18.74 -34.76
C GLU B 37 -2.60 -19.35 -34.11
N LEU B 38 -3.10 -18.72 -33.05
CA LEU B 38 -4.28 -19.19 -32.35
C LEU B 38 -5.53 -18.47 -32.81
N GLY B 39 -5.37 -17.48 -33.68
CA GLY B 39 -6.52 -16.73 -34.16
C GLY B 39 -7.33 -16.09 -33.05
N VAL B 40 -6.64 -15.56 -32.05
CA VAL B 40 -7.27 -14.90 -30.91
C VAL B 40 -7.34 -13.38 -31.12
N GLU B 41 -8.37 -12.72 -30.58
CA GLU B 41 -8.48 -11.27 -30.70
C GLU B 41 -7.78 -10.67 -29.49
N TYR B 42 -6.82 -9.79 -29.73
CA TYR B 42 -6.06 -9.18 -28.64
C TYR B 42 -5.66 -7.77 -28.94
N VAL B 43 -5.13 -7.10 -27.92
CA VAL B 43 -4.70 -5.73 -28.08
C VAL B 43 -3.64 -5.41 -27.02
N PHE B 44 -2.57 -4.75 -27.46
CA PHE B 44 -1.50 -4.36 -26.56
C PHE B 44 -1.80 -3.02 -25.88
N VAL B 45 -1.71 -2.98 -24.55
CA VAL B 45 -1.98 -1.74 -23.82
C VAL B 45 -0.90 -1.48 -22.78
N GLY B 46 -1.20 -0.61 -21.83
CA GLY B 46 -0.24 -0.31 -20.78
C GLY B 46 0.96 0.50 -21.24
N SER B 47 2.00 0.49 -20.42
CA SER B 47 3.26 1.21 -20.64
C SER B 47 3.95 0.86 -21.94
N TYR B 48 4.05 -0.43 -22.21
CA TYR B 48 4.71 -0.86 -23.42
C TYR B 48 4.08 -0.29 -24.66
N ALA B 49 2.75 -0.36 -24.74
CA ALA B 49 2.04 0.17 -25.90
C ALA B 49 2.24 1.67 -26.14
N ARG B 50 2.45 2.44 -25.07
CA ARG B 50 2.64 3.88 -25.20
C ARG B 50 4.07 4.32 -24.99
N ASN B 51 4.97 3.37 -24.83
CA ASN B 51 6.37 3.68 -24.59
C ASN B 51 6.60 4.60 -23.40
N THR B 52 6.02 4.22 -22.26
CA THR B 52 6.18 5.01 -21.05
C THR B 52 6.65 4.09 -19.92
N TRP B 53 7.16 2.90 -20.28
CA TRP B 53 7.63 1.99 -19.26
C TRP B 53 8.96 2.44 -18.68
N LEU B 54 9.14 2.21 -17.39
CA LEU B 54 10.34 2.63 -16.68
C LEU B 54 11.54 1.71 -16.97
N LYS B 55 12.69 2.32 -17.23
CA LYS B 55 13.90 1.57 -17.51
C LYS B 55 14.09 0.51 -16.42
N GLY B 56 14.24 -0.75 -16.83
CA GLY B 56 14.42 -1.81 -15.85
C GLY B 56 13.14 -2.46 -15.35
N SER B 57 11.99 -1.85 -15.66
CA SER B 57 10.70 -2.38 -15.21
C SER B 57 9.78 -2.60 -16.40
N LEU B 58 10.23 -3.37 -17.40
CA LEU B 58 9.43 -3.64 -18.58
C LEU B 58 8.47 -4.80 -18.39
N GLU B 59 7.19 -4.54 -18.64
CA GLU B 59 6.15 -5.57 -18.56
C GLU B 59 5.20 -5.30 -19.72
N ILE B 60 4.88 -6.34 -20.47
CA ILE B 60 3.99 -6.20 -21.62
C ILE B 60 2.60 -6.64 -21.21
N ASP B 61 1.58 -5.85 -21.57
CA ASP B 61 0.20 -6.17 -21.25
C ASP B 61 -0.53 -6.54 -22.52
N VAL B 62 -1.06 -7.76 -22.58
CA VAL B 62 -1.80 -8.21 -23.75
C VAL B 62 -3.23 -8.47 -23.27
N PHE B 63 -4.19 -7.75 -23.83
CA PHE B 63 -5.58 -7.91 -23.45
C PHE B 63 -6.36 -8.75 -24.45
N LEU B 64 -6.93 -9.84 -23.97
CA LEU B 64 -7.72 -10.74 -24.80
C LEU B 64 -9.16 -10.25 -24.70
N LEU B 65 -9.68 -9.71 -25.81
CA LEU B 65 -11.04 -9.18 -25.83
C LEU B 65 -12.13 -10.22 -26.05
N PHE B 66 -13.05 -10.33 -25.09
CA PHE B 66 -14.16 -11.28 -25.18
C PHE B 66 -15.51 -10.56 -25.21
N PRO B 67 -16.48 -11.13 -25.95
CA PRO B 67 -17.84 -10.56 -26.07
C PRO B 67 -18.48 -10.40 -24.70
N GLU B 68 -19.26 -9.33 -24.53
CA GLU B 68 -19.94 -9.05 -23.26
C GLU B 68 -20.79 -10.20 -22.74
N GLU B 69 -21.39 -10.97 -23.63
CA GLU B 69 -22.27 -12.05 -23.21
C GLU B 69 -21.60 -13.18 -22.43
N PHE B 70 -20.31 -13.41 -22.68
CA PHE B 70 -19.57 -14.48 -21.98
C PHE B 70 -19.61 -14.36 -20.45
N SER B 71 -19.61 -15.51 -19.80
CA SER B 71 -19.60 -15.60 -18.35
C SER B 71 -18.26 -15.19 -17.80
N LYS B 72 -18.25 -14.69 -16.57
CA LYS B 72 -16.99 -14.32 -15.95
C LYS B 72 -16.15 -15.60 -15.85
N GLU B 73 -16.83 -16.75 -15.77
CA GLU B 73 -16.12 -18.02 -15.68
C GLU B 73 -15.52 -18.42 -17.01
N GLU B 74 -16.18 -18.03 -18.09
CA GLU B 74 -15.66 -18.37 -19.40
C GLU B 74 -14.38 -17.57 -19.63
N LEU B 75 -14.39 -16.30 -19.27
CA LEU B 75 -13.19 -15.47 -19.43
C LEU B 75 -12.00 -16.10 -18.73
N ARG B 76 -12.23 -16.52 -17.49
CA ARG B 76 -11.19 -17.15 -16.69
C ARG B 76 -10.59 -18.36 -17.38
N GLU B 77 -11.41 -19.35 -17.69
CA GLU B 77 -10.93 -20.58 -18.33
C GLU B 77 -10.27 -20.36 -19.69
N ARG B 78 -10.98 -19.71 -20.60
CA ARG B 78 -10.43 -19.45 -21.93
C ARG B 78 -9.19 -18.58 -21.82
N GLY B 79 -9.31 -17.47 -21.10
CA GLY B 79 -8.20 -16.56 -20.93
C GLY B 79 -6.97 -17.21 -20.33
N LEU B 80 -7.16 -18.10 -19.35
CA LEU B 80 -6.03 -18.75 -18.72
C LEU B 80 -5.47 -19.80 -19.66
N GLU B 81 -6.34 -20.35 -20.49
CA GLU B 81 -5.96 -21.36 -21.47
C GLU B 81 -5.05 -20.76 -22.53
N ILE B 82 -5.44 -19.59 -23.01
CA ILE B 82 -4.68 -18.88 -24.03
C ILE B 82 -3.37 -18.38 -23.44
N GLY B 83 -3.43 -17.80 -22.25
CA GLY B 83 -2.23 -17.29 -21.63
C GLY B 83 -1.18 -18.38 -21.48
N LYS B 84 -1.55 -19.49 -20.85
CA LYS B 84 -0.62 -20.58 -20.63
C LYS B 84 0.00 -21.13 -21.92
N ALA B 85 -0.82 -21.20 -22.97
CA ALA B 85 -0.36 -21.71 -24.25
C ALA B 85 0.56 -20.78 -24.99
N VAL B 86 0.62 -19.53 -24.53
CA VAL B 86 1.42 -18.49 -25.19
C VAL B 86 2.66 -17.95 -24.44
N LEU B 87 2.94 -18.48 -23.25
CA LEU B 87 4.09 -18.03 -22.47
C LEU B 87 5.14 -19.13 -22.25
N ASP B 88 6.41 -18.76 -22.15
CA ASP B 88 7.48 -19.75 -21.94
C ASP B 88 7.36 -20.44 -20.59
N SER B 89 7.09 -19.65 -19.57
CA SER B 89 6.91 -20.17 -18.22
C SER B 89 5.87 -19.23 -17.66
N TYR B 90 4.95 -19.75 -16.86
CA TYR B 90 3.90 -18.89 -16.33
C TYR B 90 3.63 -19.10 -14.85
N GLU B 91 2.73 -18.26 -14.34
CA GLU B 91 2.33 -18.31 -12.96
C GLU B 91 0.92 -17.77 -12.88
N ILE B 92 0.06 -18.43 -12.12
CA ILE B 92 -1.30 -17.94 -11.97
C ILE B 92 -1.54 -17.65 -10.50
N ARG B 93 -1.60 -16.37 -10.16
CA ARG B 93 -1.79 -15.91 -8.79
C ARG B 93 -2.47 -14.54 -8.84
N TYR B 94 -3.71 -14.47 -8.37
CA TYR B 94 -4.48 -13.23 -8.41
C TYR B 94 -5.56 -13.27 -7.34
N ALA B 95 -6.02 -12.10 -6.92
CA ALA B 95 -7.05 -12.01 -5.88
C ALA B 95 -8.49 -12.08 -6.39
N GLU B 96 -8.76 -11.50 -7.55
CA GLU B 96 -10.12 -11.54 -8.06
C GLU B 96 -10.20 -11.65 -9.58
N HIS B 97 -9.73 -10.64 -10.29
CA HIS B 97 -9.77 -10.73 -11.75
C HIS B 97 -8.62 -11.62 -12.21
N PRO B 98 -8.95 -12.69 -12.94
CA PRO B 98 -7.95 -13.65 -13.46
C PRO B 98 -7.05 -13.17 -14.58
N TYR B 99 -5.83 -13.71 -14.60
CA TYR B 99 -4.86 -13.38 -15.61
C TYR B 99 -3.67 -14.32 -15.49
N VAL B 100 -2.81 -14.32 -16.50
CA VAL B 100 -1.63 -15.17 -16.51
C VAL B 100 -0.36 -14.32 -16.60
N HIS B 101 0.57 -14.51 -15.67
CA HIS B 101 1.82 -13.77 -15.77
C HIS B 101 2.86 -14.76 -16.25
N GLY B 102 3.76 -14.30 -17.13
CA GLY B 102 4.77 -15.18 -17.66
C GLY B 102 5.89 -14.45 -18.36
N VAL B 103 6.70 -15.22 -19.09
CA VAL B 103 7.82 -14.65 -19.81
C VAL B 103 7.87 -15.06 -21.27
N VAL B 104 8.29 -14.13 -22.12
CA VAL B 104 8.44 -14.36 -23.54
C VAL B 104 9.77 -13.75 -23.91
N LYS B 105 10.67 -14.56 -24.47
CA LYS B 105 11.98 -14.09 -24.85
C LYS B 105 12.55 -13.14 -23.80
N GLY B 106 12.42 -13.53 -22.54
CA GLY B 106 12.97 -12.74 -21.45
C GLY B 106 12.21 -11.56 -20.87
N VAL B 107 11.11 -11.13 -21.48
CA VAL B 107 10.43 -9.99 -20.89
C VAL B 107 9.14 -10.40 -20.17
N GLU B 108 8.93 -9.81 -19.00
CA GLU B 108 7.75 -10.08 -18.19
C GLU B 108 6.51 -9.77 -19.02
N VAL B 109 5.51 -10.64 -18.94
CA VAL B 109 4.28 -10.46 -19.71
C VAL B 109 3.03 -10.77 -18.90
N ASP B 110 1.99 -9.96 -19.08
CA ASP B 110 0.69 -10.15 -18.42
C ASP B 110 -0.37 -10.35 -19.51
N VAL B 111 -0.95 -11.55 -19.58
CA VAL B 111 -2.02 -11.83 -20.55
C VAL B 111 -3.32 -11.77 -19.75
N VAL B 112 -4.13 -10.76 -20.06
CA VAL B 112 -5.37 -10.48 -19.34
C VAL B 112 -6.67 -10.54 -20.14
N PRO B 113 -7.68 -11.26 -19.62
CA PRO B 113 -8.99 -11.41 -20.26
C PRO B 113 -9.87 -10.24 -19.87
N CYS B 114 -10.70 -9.76 -20.81
CA CYS B 114 -11.60 -8.66 -20.49
C CYS B 114 -12.68 -8.56 -21.55
N TYR B 115 -13.79 -7.92 -21.20
CA TYR B 115 -14.89 -7.80 -22.12
C TYR B 115 -14.68 -6.64 -23.07
N LYS B 116 -14.99 -6.83 -24.35
CA LYS B 116 -14.83 -5.71 -25.26
C LYS B 116 -16.17 -5.01 -25.29
N LEU B 117 -16.29 -3.99 -24.45
CA LEU B 117 -17.51 -3.20 -24.34
C LEU B 117 -17.41 -2.01 -25.29
N LYS B 118 -18.48 -1.24 -25.32
CA LYS B 118 -18.55 -0.01 -26.10
C LYS B 118 -18.78 0.94 -24.94
N GLU B 119 -17.97 1.98 -24.82
CA GLU B 119 -18.14 2.91 -23.71
C GLU B 119 -17.81 2.18 -22.39
N PRO B 120 -16.96 2.80 -21.55
CA PRO B 120 -16.57 2.21 -20.27
C PRO B 120 -17.66 2.53 -19.23
N LYS B 121 -18.91 2.55 -19.66
CA LYS B 121 -20.00 2.87 -18.75
C LYS B 121 -20.18 1.94 -17.56
N ASN B 122 -20.86 0.82 -17.77
CA ASN B 122 -21.10 -0.09 -16.66
C ASN B 122 -20.23 -1.33 -16.74
N ILE B 123 -18.95 -1.12 -16.48
CA ILE B 123 -17.94 -2.17 -16.49
C ILE B 123 -18.39 -3.54 -15.98
N LYS B 124 -18.01 -4.59 -16.69
CA LYS B 124 -18.41 -5.93 -16.29
C LYS B 124 -17.29 -6.72 -15.59
N SER B 125 -16.06 -6.53 -16.04
CA SER B 125 -14.91 -7.18 -15.42
C SER B 125 -14.18 -6.00 -14.83
N ALA B 126 -13.35 -6.25 -13.83
CA ALA B 126 -12.63 -5.18 -13.17
C ALA B 126 -11.69 -4.38 -14.06
N VAL B 127 -11.23 -4.98 -15.15
CA VAL B 127 -10.27 -4.32 -16.02
C VAL B 127 -10.81 -3.72 -17.32
N ASP B 128 -12.12 -3.77 -17.55
CA ASP B 128 -12.69 -3.26 -18.81
C ASP B 128 -12.37 -1.83 -19.21
N ARG B 129 -11.91 -1.00 -18.30
CA ARG B 129 -11.58 0.38 -18.67
C ARG B 129 -10.24 0.46 -19.40
N THR B 130 -9.36 -0.48 -19.10
CA THR B 130 -8.02 -0.45 -19.65
C THR B 130 -7.91 -0.18 -21.16
N PRO B 131 -8.70 -0.89 -21.96
CA PRO B 131 -8.60 -0.64 -23.41
C PRO B 131 -8.94 0.81 -23.74
N PHE B 132 -9.95 1.37 -23.07
CA PHE B 132 -10.33 2.76 -23.32
C PHE B 132 -9.26 3.73 -22.81
N HIS B 133 -8.58 3.33 -21.74
CA HIS B 133 -7.50 4.14 -21.17
C HIS B 133 -6.48 4.34 -22.26
N HIS B 134 -6.18 3.27 -22.98
CA HIS B 134 -5.19 3.29 -24.05
C HIS B 134 -5.60 4.20 -25.22
N LYS B 135 -6.85 4.06 -25.66
CA LYS B 135 -7.36 4.86 -26.77
C LYS B 135 -7.30 6.35 -26.47
N TRP B 136 -7.60 6.69 -25.22
CA TRP B 136 -7.63 8.08 -24.78
C TRP B 136 -6.24 8.68 -24.59
N LEU B 137 -5.28 7.84 -24.21
CA LEU B 137 -3.91 8.28 -23.95
C LEU B 137 -2.97 8.32 -25.16
N GLU B 138 -3.01 7.27 -25.98
CA GLU B 138 -2.10 7.18 -27.11
C GLU B 138 -1.91 8.42 -27.97
N GLY B 139 -2.98 9.17 -28.22
CA GLY B 139 -2.84 10.35 -29.04
C GLY B 139 -2.59 11.62 -28.28
N ARG B 140 -2.47 11.52 -26.95
CA ARG B 140 -2.24 12.70 -26.12
C ARG B 140 -0.92 12.66 -25.39
N ILE B 141 -0.43 11.46 -25.09
CA ILE B 141 0.83 11.32 -24.37
C ILE B 141 2.02 11.37 -25.33
N LYS B 142 1.74 11.17 -26.61
CA LYS B 142 2.76 11.19 -27.65
C LYS B 142 3.57 12.49 -27.49
N GLY B 143 4.88 12.35 -27.34
CA GLY B 143 5.73 13.51 -27.17
C GLY B 143 6.16 13.80 -25.75
N LYS B 144 5.58 13.10 -24.77
CA LYS B 144 5.94 13.34 -23.38
C LYS B 144 6.11 12.05 -22.59
N GLU B 145 6.51 10.99 -23.28
CA GLU B 145 6.70 9.72 -22.61
C GLU B 145 7.87 9.77 -21.64
N ASN B 146 8.87 10.60 -21.93
CA ASN B 146 10.01 10.71 -21.02
C ASN B 146 9.60 11.55 -19.81
N GLU B 147 8.62 12.43 -20.00
CA GLU B 147 8.15 13.23 -18.88
C GLU B 147 7.49 12.24 -17.92
N VAL B 148 6.71 11.33 -18.48
CA VAL B 148 6.03 10.33 -17.69
C VAL B 148 7.05 9.52 -16.92
N ARG B 149 8.10 9.11 -17.63
CA ARG B 149 9.15 8.30 -17.03
C ARG B 149 9.85 8.96 -15.88
N LEU B 150 9.97 10.29 -15.91
CA LEU B 150 10.60 11.01 -14.82
C LEU B 150 9.71 10.86 -13.59
N LEU B 151 8.41 11.04 -13.77
CA LEU B 151 7.47 10.93 -12.66
C LEU B 151 7.49 9.52 -12.06
N LYS B 152 7.44 8.50 -12.90
CA LYS B 152 7.47 7.13 -12.40
C LYS B 152 8.75 6.88 -11.60
N GLY B 153 9.88 7.26 -12.18
CA GLY B 153 11.16 7.07 -11.49
C GLY B 153 11.23 7.82 -10.18
N PHE B 154 10.58 8.98 -10.15
CA PHE B 154 10.53 9.84 -8.98
C PHE B 154 9.79 9.16 -7.83
N LEU B 155 8.61 8.63 -8.14
CA LEU B 155 7.78 7.97 -7.14
C LEU B 155 8.33 6.60 -6.73
N LYS B 156 8.97 5.92 -7.68
CA LYS B 156 9.53 4.59 -7.41
C LYS B 156 10.68 4.68 -6.40
N ALA B 157 11.60 5.62 -6.63
CA ALA B 157 12.74 5.78 -5.72
C ALA B 157 12.33 6.18 -4.31
N ASN B 158 11.11 6.70 -4.18
CA ASN B 158 10.62 7.15 -2.87
C ASN B 158 9.47 6.29 -2.34
N GLY B 159 9.43 5.04 -2.78
CA GLY B 159 8.42 4.09 -2.32
C GLY B 159 6.94 4.42 -2.42
N ILE B 160 6.55 5.30 -3.32
CA ILE B 160 5.13 5.61 -3.43
C ILE B 160 4.61 5.40 -4.84
N TYR B 161 5.30 4.57 -5.61
CA TYR B 161 4.85 4.33 -6.96
C TYR B 161 3.56 3.53 -6.99
N GLY B 162 3.63 2.22 -7.23
CA GLY B 162 2.43 1.40 -7.31
C GLY B 162 1.14 1.72 -6.56
N ALA B 163 0.01 1.23 -7.08
CA ALA B 163 -1.29 1.46 -6.44
C ALA B 163 -1.79 0.26 -5.67
N GLU B 164 -1.06 -0.83 -5.72
CA GLU B 164 -1.48 -2.02 -4.99
C GLU B 164 -1.42 -1.71 -3.49
N TYR B 165 -2.17 -2.48 -2.70
CA TYR B 165 -2.24 -2.26 -1.26
C TYR B 165 -0.91 -2.26 -0.56
N LYS B 166 0.09 -2.92 -1.13
CA LYS B 166 1.39 -2.92 -0.48
C LYS B 166 2.02 -1.53 -0.53
N VAL B 167 1.66 -0.74 -1.54
CA VAL B 167 2.22 0.60 -1.70
C VAL B 167 1.24 1.73 -1.44
N ARG B 168 -0.03 1.53 -1.81
CA ARG B 168 -1.03 2.57 -1.62
C ARG B 168 -0.54 3.90 -2.17
N GLY B 169 0.09 3.84 -3.35
CA GLY B 169 0.62 5.04 -3.98
C GLY B 169 0.01 5.41 -5.33
N PHE B 170 0.82 6.01 -6.19
CA PHE B 170 0.42 6.46 -7.53
C PHE B 170 0.57 5.37 -8.61
N SER B 171 -0.52 5.03 -9.29
CA SER B 171 -0.44 4.02 -10.34
C SER B 171 0.24 4.64 -11.57
N GLY B 172 0.62 3.79 -12.53
CA GLY B 172 1.26 4.28 -13.74
C GLY B 172 0.29 5.14 -14.55
N TYR B 173 -0.95 4.66 -14.67
CA TYR B 173 -1.97 5.39 -15.40
C TYR B 173 -2.15 6.76 -14.77
N LEU B 174 -2.21 6.80 -13.45
CA LEU B 174 -2.36 8.07 -12.76
C LEU B 174 -1.24 8.99 -13.20
N CYS B 175 -0.02 8.46 -13.27
CA CYS B 175 1.14 9.24 -13.69
C CYS B 175 0.94 9.87 -15.05
N GLU B 176 0.52 9.07 -16.03
CA GLU B 176 0.29 9.59 -17.36
C GLU B 176 -0.83 10.63 -17.36
N LEU B 177 -1.89 10.40 -16.61
CA LEU B 177 -2.96 11.38 -16.55
C LEU B 177 -2.41 12.72 -16.04
N LEU B 178 -1.53 12.66 -15.04
CA LEU B 178 -0.94 13.88 -14.48
C LEU B 178 -0.06 14.59 -15.51
N ILE B 179 0.66 13.84 -16.34
CA ILE B 179 1.53 14.41 -17.37
C ILE B 179 0.72 15.13 -18.46
N VAL B 180 -0.40 14.53 -18.86
CA VAL B 180 -1.27 15.14 -19.86
C VAL B 180 -1.91 16.40 -19.28
N PHE B 181 -2.13 16.40 -17.97
CA PHE B 181 -2.75 17.56 -17.34
C PHE B 181 -1.79 18.72 -17.11
N TYR B 182 -0.59 18.46 -16.60
CA TYR B 182 0.36 19.53 -16.33
C TYR B 182 1.37 19.75 -17.46
N GLY B 183 1.46 18.80 -18.39
CA GLY B 183 2.37 18.95 -19.50
C GLY B 183 3.78 18.40 -19.33
N SER B 184 4.27 18.34 -18.09
CA SER B 184 5.61 17.83 -17.88
C SER B 184 5.85 17.41 -16.43
N PHE B 185 7.02 16.84 -16.17
CA PHE B 185 7.36 16.40 -14.82
C PHE B 185 7.64 17.58 -13.88
N LEU B 186 8.31 18.60 -14.40
CA LEU B 186 8.63 19.77 -13.59
C LEU B 186 7.36 20.51 -13.23
N GLU B 187 6.42 20.55 -14.16
CA GLU B 187 5.15 21.24 -13.91
C GLU B 187 4.30 20.51 -12.90
N THR B 188 4.30 19.19 -12.95
CA THR B 188 3.54 18.38 -12.01
C THR B 188 4.08 18.66 -10.60
N VAL B 189 5.39 18.51 -10.46
CA VAL B 189 6.04 18.75 -9.18
C VAL B 189 5.77 20.16 -8.67
N LYS B 190 5.89 21.17 -9.53
CA LYS B 190 5.64 22.54 -9.12
C LYS B 190 4.24 22.72 -8.52
N ASN B 191 3.23 22.29 -9.27
CA ASN B 191 1.84 22.39 -8.83
C ASN B 191 1.47 21.48 -7.65
N ALA B 192 2.06 20.29 -7.59
CA ALA B 192 1.77 19.33 -6.51
C ALA B 192 2.12 19.93 -5.14
N ARG B 193 2.98 20.95 -5.15
CA ARG B 193 3.37 21.60 -3.91
C ARG B 193 2.20 22.29 -3.22
N ARG B 194 1.09 22.47 -3.96
CA ARG B 194 -0.08 23.13 -3.39
C ARG B 194 -1.35 22.26 -3.42
N TRP B 195 -1.19 20.94 -3.49
CA TRP B 195 -2.36 20.05 -3.47
C TRP B 195 -2.82 19.96 -2.01
N THR B 196 -4.10 19.68 -1.79
CA THR B 196 -4.62 19.52 -0.45
C THR B 196 -5.30 18.16 -0.42
N ARG B 197 -5.77 17.74 0.75
CA ARG B 197 -6.44 16.45 0.84
C ARG B 197 -7.82 16.56 0.21
N ARG B 198 -8.17 17.76 -0.23
CA ARG B 198 -9.47 18.01 -0.85
C ARG B 198 -9.36 18.28 -2.36
N THR B 199 -8.14 18.28 -2.88
CA THR B 199 -7.90 18.55 -4.29
C THR B 199 -8.58 17.57 -5.24
N VAL B 200 -9.24 18.13 -6.26
CA VAL B 200 -9.92 17.34 -7.29
C VAL B 200 -9.38 17.71 -8.66
N ILE B 201 -8.83 16.73 -9.36
CA ILE B 201 -8.29 16.95 -10.71
C ILE B 201 -9.15 16.22 -11.72
N ASP B 202 -9.64 16.96 -12.71
CA ASP B 202 -10.50 16.39 -13.75
C ASP B 202 -9.81 16.70 -15.08
N VAL B 203 -8.95 15.79 -15.54
CA VAL B 203 -8.23 16.04 -16.79
C VAL B 203 -9.14 16.23 -17.99
N ALA B 204 -10.23 15.48 -18.08
CA ALA B 204 -11.13 15.64 -19.22
C ALA B 204 -11.72 17.05 -19.29
N LYS B 205 -11.83 17.74 -18.15
CA LYS B 205 -12.37 19.10 -18.14
C LYS B 205 -11.27 20.14 -18.02
N GLY B 206 -10.03 19.69 -17.91
CA GLY B 206 -8.91 20.60 -17.78
C GLY B 206 -9.09 21.49 -16.56
N GLU B 207 -9.76 20.94 -15.56
CA GLU B 207 -10.06 21.67 -14.34
C GLU B 207 -9.55 21.07 -13.03
N VAL B 208 -9.25 21.95 -12.07
CA VAL B 208 -8.82 21.56 -10.73
C VAL B 208 -9.79 22.30 -9.82
N ARG B 209 -10.49 21.55 -8.98
CA ARG B 209 -11.43 22.17 -8.07
C ARG B 209 -11.28 21.56 -6.66
N LYS B 210 -12.15 21.96 -5.75
CA LYS B 210 -12.12 21.50 -4.36
C LYS B 210 -13.20 20.43 -4.19
N GLY B 211 -12.97 19.46 -3.32
CA GLY B 211 -13.96 18.41 -3.14
C GLY B 211 -13.92 17.72 -1.80
N GLU B 212 -14.59 16.57 -1.73
CA GLU B 212 -14.67 15.78 -0.51
C GLU B 212 -13.29 15.26 -0.10
N GLU B 213 -12.47 14.88 -1.08
CA GLU B 213 -11.15 14.35 -0.82
C GLU B 213 -10.36 14.26 -2.13
N PHE B 214 -9.07 13.92 -2.05
CA PHE B 214 -8.23 13.82 -3.25
C PHE B 214 -8.91 12.95 -4.29
N PHE B 215 -9.15 13.51 -5.47
CA PHE B 215 -9.87 12.81 -6.52
C PHE B 215 -9.38 13.12 -7.94
N VAL B 216 -8.85 12.12 -8.63
CA VAL B 216 -8.38 12.32 -10.00
C VAL B 216 -9.40 11.60 -10.89
N VAL B 217 -10.37 12.32 -11.42
CA VAL B 217 -11.39 11.66 -12.23
C VAL B 217 -10.87 11.17 -13.57
N ASP B 218 -11.11 9.89 -13.80
CA ASP B 218 -10.73 9.17 -15.02
C ASP B 218 -11.46 9.81 -16.19
N PRO B 219 -10.74 10.21 -17.25
CA PRO B 219 -11.34 10.85 -18.43
C PRO B 219 -12.31 9.90 -19.14
N VAL B 220 -12.11 8.61 -18.89
CA VAL B 220 -12.88 7.55 -19.48
C VAL B 220 -14.12 7.16 -18.67
N ASP B 221 -14.15 7.54 -17.40
CA ASP B 221 -15.27 7.20 -16.49
C ASP B 221 -15.32 8.24 -15.37
N GLU B 222 -16.10 9.30 -15.57
CA GLU B 222 -16.20 10.39 -14.61
C GLU B 222 -16.47 10.01 -13.14
N LYS B 223 -16.90 8.78 -12.89
CA LYS B 223 -17.17 8.38 -11.51
C LYS B 223 -15.99 7.63 -10.88
N ARG B 224 -15.02 7.27 -11.70
CA ARG B 224 -13.85 6.54 -11.23
C ARG B 224 -12.75 7.46 -10.72
N ASN B 225 -12.40 7.31 -9.45
CA ASN B 225 -11.30 8.10 -8.89
C ASN B 225 -10.03 7.30 -9.12
N VAL B 226 -9.24 7.68 -10.11
CA VAL B 226 -7.99 6.98 -10.43
C VAL B 226 -7.08 6.84 -9.21
N ALA B 227 -7.16 7.78 -8.28
CA ALA B 227 -6.33 7.77 -7.07
C ALA B 227 -7.10 7.30 -5.84
N ALA B 228 -8.10 6.46 -6.06
CA ALA B 228 -8.90 5.97 -4.94
C ALA B 228 -8.06 5.33 -3.84
N ASN B 229 -7.03 4.59 -4.24
CA ASN B 229 -6.21 3.89 -3.26
C ASN B 229 -4.91 4.56 -2.86
N LEU B 230 -4.77 5.85 -3.18
CA LEU B 230 -3.58 6.57 -2.78
C LEU B 230 -3.87 7.06 -1.38
N SER B 231 -3.14 6.55 -0.39
CA SER B 231 -3.38 6.93 1.01
C SER B 231 -3.09 8.40 1.29
N LEU B 232 -3.73 8.92 2.33
CA LEU B 232 -3.54 10.31 2.74
C LEU B 232 -2.07 10.58 3.06
N ASP B 233 -1.42 9.64 3.74
CA ASP B 233 -0.03 9.85 4.11
C ASP B 233 0.91 9.90 2.91
N ASN B 234 0.68 9.03 1.94
CA ASN B 234 1.51 8.99 0.74
C ASN B 234 1.23 10.25 -0.11
N LEU B 235 0.00 10.73 -0.09
CA LEU B 235 -0.33 11.96 -0.83
C LEU B 235 0.49 13.06 -0.16
N ALA B 236 0.57 12.99 1.17
CA ALA B 236 1.31 13.98 1.93
C ALA B 236 2.81 13.89 1.69
N ARG B 237 3.32 12.67 1.56
CA ARG B 237 4.75 12.49 1.32
C ARG B 237 5.18 13.05 -0.02
N PHE B 238 4.39 12.76 -1.05
CA PHE B 238 4.68 13.25 -2.40
C PHE B 238 4.69 14.78 -2.45
N VAL B 239 3.69 15.40 -1.83
CA VAL B 239 3.60 16.85 -1.82
C VAL B 239 4.84 17.44 -1.17
N HIS B 240 5.26 16.85 -0.06
CA HIS B 240 6.42 17.33 0.68
C HIS B 240 7.69 17.06 -0.11
N LEU B 241 7.72 15.95 -0.85
CA LEU B 241 8.88 15.62 -1.66
C LEU B 241 9.01 16.66 -2.77
N CYS B 242 7.88 17.11 -3.31
CA CYS B 242 7.91 18.10 -4.37
C CYS B 242 8.42 19.43 -3.87
N ARG B 243 8.14 19.76 -2.61
CA ARG B 243 8.62 21.03 -2.04
C ARG B 243 10.12 20.96 -1.87
N GLU B 244 10.61 19.86 -1.29
CA GLU B 244 12.04 19.66 -1.08
C GLU B 244 12.80 19.65 -2.40
N PHE B 245 12.27 18.94 -3.40
CA PHE B 245 12.95 18.85 -4.68
C PHE B 245 13.13 20.20 -5.31
N MET B 246 12.08 21.01 -5.29
CA MET B 246 12.12 22.35 -5.87
C MET B 246 12.99 23.30 -5.04
N GLU B 247 13.12 23.01 -3.75
CA GLU B 247 13.91 23.83 -2.86
C GLU B 247 15.41 23.51 -2.98
N ALA B 248 15.71 22.25 -3.29
CA ALA B 248 17.09 21.83 -3.43
C ALA B 248 17.17 20.61 -4.34
N PRO B 249 17.10 20.83 -5.65
CA PRO B 249 17.15 19.79 -6.67
C PRO B 249 18.29 18.81 -6.41
N SER B 250 18.15 17.59 -6.91
CA SER B 250 19.18 16.57 -6.71
C SER B 250 18.70 15.24 -7.31
N LEU B 251 19.49 14.63 -8.19
CA LEU B 251 19.06 13.37 -8.77
C LEU B 251 19.10 12.25 -7.73
N GLY B 252 19.29 12.64 -6.47
CA GLY B 252 19.29 11.68 -5.39
C GLY B 252 17.83 11.30 -5.16
N PHE B 253 16.94 12.15 -5.67
CA PHE B 253 15.51 11.92 -5.57
C PHE B 253 15.09 10.82 -6.54
N PHE B 254 15.91 10.56 -7.56
CA PHE B 254 15.61 9.53 -8.53
C PHE B 254 16.40 8.25 -8.28
N LYS B 255 17.25 8.25 -7.27
CA LYS B 255 18.04 7.07 -6.94
C LYS B 255 17.38 6.31 -5.80
N PRO B 256 17.12 5.02 -5.98
CA PRO B 256 16.49 4.26 -4.90
C PRO B 256 17.28 4.46 -3.60
N LYS B 257 16.57 4.69 -2.51
CA LYS B 257 17.18 4.94 -1.22
C LYS B 257 18.09 3.83 -0.70
N HIS B 258 19.10 4.24 0.08
CA HIS B 258 20.09 3.33 0.67
C HIS B 258 19.46 2.08 1.29
N PRO B 259 19.97 0.90 0.95
CA PRO B 259 19.41 -0.34 1.52
C PRO B 259 19.37 -0.30 3.05
N LEU B 260 20.37 0.36 3.64
CA LEU B 260 20.49 0.51 5.10
C LEU B 260 20.70 -0.85 5.79
N GLU B 261 21.88 -1.05 6.38
CA GLU B 261 22.18 -2.32 7.05
C GLU B 261 22.31 -2.27 8.57
N ILE B 262 22.35 -1.07 9.14
CA ILE B 262 22.49 -0.87 10.60
C ILE B 262 22.46 -2.16 11.44
N GLU B 263 23.45 -2.29 12.33
CA GLU B 263 23.57 -3.47 13.18
C GLU B 263 22.53 -3.56 14.28
N PRO B 264 22.18 -4.80 14.68
CA PRO B 264 21.19 -5.06 15.73
C PRO B 264 21.68 -4.54 17.08
N GLU B 265 22.99 -4.54 17.26
CA GLU B 265 23.56 -4.08 18.50
C GLU B 265 23.27 -2.59 18.64
N ARG B 266 23.15 -1.88 17.52
CA ARG B 266 22.88 -0.46 17.55
C ARG B 266 21.41 -0.17 17.86
N LEU B 267 20.52 -0.98 17.30
CA LEU B 267 19.09 -0.81 17.56
C LEU B 267 18.83 -1.00 19.04
N ARG B 268 19.49 -1.97 19.66
CA ARG B 268 19.32 -2.23 21.08
C ARG B 268 19.67 -0.98 21.90
N LYS B 269 20.75 -0.29 21.54
CA LYS B 269 21.15 0.91 22.26
C LYS B 269 20.08 1.98 22.12
N ILE B 270 19.60 2.19 20.90
CA ILE B 270 18.57 3.19 20.67
C ILE B 270 17.35 2.88 21.56
N VAL B 271 16.84 1.65 21.46
CA VAL B 271 15.69 1.25 22.28
C VAL B 271 15.98 1.56 23.75
N GLU B 272 17.17 1.20 24.20
CA GLU B 272 17.59 1.45 25.57
C GLU B 272 17.49 2.95 25.90
N GLU B 273 17.89 3.79 24.96
CA GLU B 273 17.84 5.24 25.13
C GLU B 273 16.40 5.75 25.18
N ARG B 274 15.54 5.15 24.36
CA ARG B 274 14.14 5.54 24.29
C ARG B 274 13.35 5.09 25.53
N GLY B 275 13.85 4.05 26.20
CA GLY B 275 13.18 3.54 27.38
C GLY B 275 11.77 3.06 27.10
N THR B 276 11.51 2.68 25.85
CA THR B 276 10.18 2.23 25.46
C THR B 276 10.01 0.72 25.45
N ALA B 277 8.76 0.29 25.33
CA ALA B 277 8.42 -1.12 25.24
C ALA B 277 8.33 -1.46 23.75
N VAL B 278 9.26 -2.26 23.28
CA VAL B 278 9.29 -2.63 21.86
C VAL B 278 9.10 -4.13 21.68
N PHE B 279 7.93 -4.54 21.23
CA PHE B 279 7.66 -5.97 20.99
C PHE B 279 6.98 -6.23 19.65
N ALA B 280 6.77 -7.50 19.32
CA ALA B 280 6.13 -7.86 18.07
C ALA B 280 5.31 -9.11 18.19
N VAL B 281 4.26 -9.19 17.39
CA VAL B 281 3.43 -10.38 17.37
C VAL B 281 3.89 -11.13 16.13
N LYS B 282 4.30 -12.38 16.32
CA LYS B 282 4.78 -13.19 15.21
C LYS B 282 3.87 -14.37 15.00
N PHE B 283 3.51 -14.61 13.74
CA PHE B 283 2.66 -15.73 13.39
C PHE B 283 3.00 -16.21 11.98
N ARG B 284 2.48 -17.37 11.60
CA ARG B 284 2.76 -17.91 10.26
C ARG B 284 2.01 -17.15 9.18
N LYS B 285 2.68 -16.87 8.09
CA LYS B 285 2.06 -16.14 7.00
C LYS B 285 1.05 -16.98 6.23
N PRO B 286 -0.18 -16.46 6.08
CA PRO B 286 -1.24 -17.17 5.36
C PRO B 286 -0.84 -17.28 3.88
N ASP B 287 -1.12 -18.41 3.25
CA ASP B 287 -0.76 -18.58 1.85
C ASP B 287 -1.75 -17.86 0.93
N ILE B 288 -1.69 -16.53 0.99
CA ILE B 288 -2.57 -15.70 0.19
C ILE B 288 -1.79 -14.60 -0.53
N VAL B 289 -2.45 -14.01 -1.51
CA VAL B 289 -1.90 -12.96 -2.33
C VAL B 289 -1.59 -11.67 -1.56
N ASP B 290 -0.55 -10.96 -1.98
CA ASP B 290 -0.17 -9.70 -1.32
C ASP B 290 -1.38 -8.79 -1.10
N ASP B 291 -2.20 -8.68 -2.13
CA ASP B 291 -3.36 -7.81 -2.10
C ASP B 291 -4.44 -8.18 -1.08
N ASN B 292 -4.39 -9.40 -0.57
CA ASN B 292 -5.34 -9.85 0.44
C ASN B 292 -4.65 -9.78 1.79
N LEU B 293 -3.34 -10.04 1.80
CA LEU B 293 -2.55 -10.04 3.02
C LEU B 293 -2.35 -8.68 3.69
N TYR B 294 -1.70 -7.75 3.01
CA TYR B 294 -1.44 -6.43 3.60
C TYR B 294 -2.62 -5.70 4.24
N PRO B 295 -3.80 -5.73 3.60
CA PRO B 295 -4.95 -5.05 4.20
C PRO B 295 -5.32 -5.74 5.52
N GLN B 296 -4.96 -7.02 5.64
CA GLN B 296 -5.24 -7.76 6.86
C GLN B 296 -4.19 -7.44 7.91
N LEU B 297 -2.94 -7.30 7.50
CA LEU B 297 -1.87 -6.95 8.43
C LEU B 297 -2.12 -5.52 8.96
N GLU B 298 -2.74 -4.68 8.15
CA GLU B 298 -3.06 -3.30 8.54
C GLU B 298 -4.17 -3.29 9.58
N ARG B 299 -5.18 -4.12 9.37
CA ARG B 299 -6.32 -4.22 10.27
C ARG B 299 -5.89 -4.82 11.62
N ALA B 300 -5.20 -5.96 11.58
CA ALA B 300 -4.75 -6.63 12.79
C ALA B 300 -3.89 -5.65 13.60
N SER B 301 -2.95 -5.04 12.92
CA SER B 301 -2.05 -4.07 13.53
C SER B 301 -2.81 -2.92 14.20
N ARG B 302 -3.82 -2.41 13.50
CA ARG B 302 -4.61 -1.29 14.00
C ARG B 302 -5.52 -1.69 15.17
N LYS B 303 -6.17 -2.84 15.07
CA LYS B 303 -7.04 -3.32 16.13
C LYS B 303 -6.27 -3.60 17.42
N ILE B 304 -4.99 -3.94 17.30
CA ILE B 304 -4.17 -4.18 18.47
C ILE B 304 -3.67 -2.87 19.07
N PHE B 305 -3.40 -1.90 18.19
CA PHE B 305 -2.93 -0.57 18.59
C PHE B 305 -4.04 0.13 19.39
N GLU B 306 -5.27 -0.03 18.96
CA GLU B 306 -6.40 0.59 19.64
C GLU B 306 -6.58 -0.03 21.03
N PHE B 307 -6.33 -1.32 21.14
CA PHE B 307 -6.44 -2.00 22.41
C PHE B 307 -5.36 -1.42 23.32
N LEU B 308 -4.15 -1.27 22.78
CA LEU B 308 -3.05 -0.73 23.55
C LEU B 308 -3.29 0.70 24.02
N GLU B 309 -4.08 1.47 23.28
CA GLU B 309 -4.30 2.83 23.73
C GLU B 309 -5.41 2.95 24.75
N ARG B 310 -6.51 2.23 24.55
CA ARG B 310 -7.60 2.33 25.51
C ARG B 310 -7.19 1.64 26.80
N GLU B 311 -6.11 0.88 26.71
CA GLU B 311 -5.60 0.14 27.85
C GLU B 311 -4.54 0.97 28.57
N ASN B 312 -4.33 2.18 28.09
CA ASN B 312 -3.39 3.12 28.71
C ASN B 312 -1.91 2.81 28.63
N PHE B 313 -1.48 2.05 27.63
CA PHE B 313 -0.06 1.76 27.50
C PHE B 313 0.65 2.82 26.66
N MET B 314 -0.13 3.80 26.19
CA MET B 314 0.37 4.90 25.38
C MET B 314 1.20 4.43 24.18
N PRO B 315 0.55 3.72 23.24
CA PRO B 315 1.23 3.20 22.04
C PRO B 315 1.81 4.37 21.26
N LEU B 316 3.00 4.21 20.71
CA LEU B 316 3.62 5.28 19.94
C LEU B 316 3.36 5.08 18.45
N ARG B 317 3.79 3.95 17.90
CA ARG B 317 3.56 3.64 16.50
C ARG B 317 3.55 2.15 16.30
N SER B 318 2.97 1.73 15.19
CA SER B 318 2.93 0.32 14.87
C SER B 318 3.46 0.15 13.45
N ALA B 319 3.93 -1.05 13.15
CA ALA B 319 4.43 -1.37 11.81
C ALA B 319 4.19 -2.86 11.60
N PHE B 320 4.49 -3.34 10.39
CA PHE B 320 4.33 -4.75 10.11
C PHE B 320 5.24 -5.19 8.98
N LYS B 321 5.59 -6.46 8.97
CA LYS B 321 6.45 -6.98 7.94
C LYS B 321 6.12 -8.42 7.65
N ALA B 322 6.15 -8.77 6.37
CA ALA B 322 5.86 -10.13 5.97
C ALA B 322 7.07 -10.75 5.27
N SER B 323 7.50 -11.90 5.74
CA SER B 323 8.60 -12.60 5.09
C SER B 323 7.87 -13.68 4.28
N GLU B 324 8.56 -14.73 3.87
CA GLU B 324 7.88 -15.79 3.11
C GLU B 324 7.40 -16.84 4.09
N GLU B 325 7.99 -16.75 5.27
CA GLU B 325 7.77 -17.68 6.37
C GLU B 325 6.71 -17.18 7.37
N PHE B 326 6.95 -16.00 7.93
CA PHE B 326 6.06 -15.44 8.93
C PHE B 326 5.71 -13.97 8.73
N CYS B 327 4.85 -13.49 9.62
CA CYS B 327 4.42 -12.11 9.63
C CYS B 327 4.72 -11.52 11.00
N TYR B 328 4.90 -10.22 11.06
CA TYR B 328 5.17 -9.59 12.33
C TYR B 328 4.41 -8.29 12.49
N LEU B 329 3.74 -8.12 13.61
CA LEU B 329 3.04 -6.88 13.89
C LEU B 329 3.97 -6.30 14.95
N LEU B 330 4.48 -5.10 14.68
CA LEU B 330 5.42 -4.44 15.57
C LEU B 330 4.82 -3.30 16.36
N PHE B 331 5.25 -3.16 17.62
CA PHE B 331 4.71 -2.10 18.45
C PHE B 331 5.75 -1.51 19.40
N GLU B 332 5.48 -0.27 19.79
CA GLU B 332 6.33 0.47 20.72
C GLU B 332 5.42 1.31 21.60
N CYS B 333 5.52 1.12 22.91
CA CYS B 333 4.70 1.86 23.86
C CYS B 333 5.57 2.63 24.84
N GLN B 334 4.99 3.68 25.43
CA GLN B 334 5.72 4.50 26.39
C GLN B 334 5.67 3.83 27.76
N ILE B 335 4.70 2.95 27.95
CA ILE B 335 4.52 2.26 29.22
C ILE B 335 4.91 0.78 29.17
N LYS B 336 5.96 0.41 29.90
CA LYS B 336 6.43 -0.96 29.93
C LYS B 336 5.73 -1.72 31.04
N GLU B 337 5.27 -0.99 32.05
CA GLU B 337 4.58 -1.59 33.18
C GLU B 337 3.72 -0.53 33.88
N ILE B 338 2.45 -0.85 34.06
CA ILE B 338 1.53 0.06 34.71
C ILE B 338 1.05 -0.57 36.01
N SER B 339 0.49 0.25 36.90
CA SER B 339 0.02 -0.25 38.18
C SER B 339 -1.10 -1.26 38.00
N ARG B 340 -1.45 -1.91 39.10
CA ARG B 340 -2.49 -2.91 39.12
C ARG B 340 -3.82 -2.17 39.31
N VAL B 341 -3.80 -1.14 40.16
CA VAL B 341 -5.01 -0.36 40.42
C VAL B 341 -5.18 0.81 39.48
N PHE B 342 -6.43 1.22 39.32
CA PHE B 342 -6.80 2.37 38.50
C PHE B 342 -8.15 2.79 39.05
N ARG B 343 -8.64 3.93 38.61
CA ARG B 343 -9.92 4.40 39.10
C ARG B 343 -11.01 4.39 38.04
N ARG B 344 -12.16 3.84 38.39
CA ARG B 344 -13.29 3.78 37.46
C ARG B 344 -14.35 4.79 37.93
N MET B 345 -14.79 5.64 37.01
CA MET B 345 -15.77 6.68 37.33
C MET B 345 -17.14 6.12 37.67
N GLY B 346 -17.68 6.58 38.80
CA GLY B 346 -18.99 6.13 39.23
C GLY B 346 -20.02 7.24 39.08
N PRO B 347 -21.24 7.03 39.58
CA PRO B 347 -22.34 8.00 39.52
C PRO B 347 -22.20 9.21 40.46
N GLN B 348 -22.97 10.26 40.19
CA GLN B 348 -22.96 11.45 41.04
C GLN B 348 -23.68 11.13 42.35
N PHE B 349 -23.14 11.61 43.47
CA PHE B 349 -23.73 11.33 44.79
C PHE B 349 -25.25 11.49 44.80
N GLU B 350 -25.70 12.39 43.94
CA GLU B 350 -27.10 12.72 43.77
C GLU B 350 -28.09 11.57 43.83
N ASP B 351 -28.13 10.72 42.81
CA ASP B 351 -29.10 9.62 42.81
C ASP B 351 -28.62 8.38 43.55
N GLU B 352 -29.25 8.12 44.71
CA GLU B 352 -28.88 6.96 45.50
C GLU B 352 -29.11 5.65 44.78
N ARG B 353 -30.03 5.65 43.81
CA ARG B 353 -30.31 4.44 43.04
C ARG B 353 -29.03 3.83 42.41
N ASN B 354 -28.39 4.57 41.51
CA ASN B 354 -27.18 4.09 40.87
C ASN B 354 -25.99 4.04 41.85
N VAL B 355 -25.94 4.97 42.80
CA VAL B 355 -24.86 4.95 43.77
C VAL B 355 -24.94 3.61 44.50
N LYS B 356 -26.14 3.23 44.89
CA LYS B 356 -26.38 1.99 45.60
C LYS B 356 -25.89 0.79 44.79
N LYS B 357 -26.19 0.78 43.49
CA LYS B 357 -25.75 -0.32 42.63
C LYS B 357 -24.23 -0.32 42.52
N PHE B 358 -23.66 0.88 42.44
CA PHE B 358 -22.22 1.05 42.32
C PHE B 358 -21.46 0.51 43.52
N LEU B 359 -21.98 0.77 44.73
CA LEU B 359 -21.31 0.33 45.94
C LEU B 359 -21.60 -1.12 46.35
N SER B 360 -22.53 -1.78 45.67
CA SER B 360 -22.84 -3.16 46.03
C SER B 360 -21.82 -4.11 45.41
N ARG B 361 -21.06 -3.58 44.45
CA ARG B 361 -20.04 -4.35 43.75
C ARG B 361 -18.95 -4.83 44.70
N ASN B 362 -18.72 -6.15 44.71
CA ASN B 362 -17.69 -6.76 45.55
C ASN B 362 -16.37 -6.14 45.16
N ARG B 363 -15.85 -5.24 45.99
CA ARG B 363 -14.62 -4.52 45.68
C ARG B 363 -13.45 -4.72 46.65
N ALA B 364 -12.24 -4.59 46.13
CA ALA B 364 -11.04 -4.77 46.94
C ALA B 364 -10.62 -3.59 47.80
N PHE B 365 -10.93 -2.37 47.35
CA PHE B 365 -10.52 -1.21 48.12
C PHE B 365 -11.54 -0.22 48.63
N ARG B 366 -12.82 -0.39 48.32
CA ARG B 366 -13.79 0.58 48.86
C ARG B 366 -13.73 1.92 48.16
N PRO B 367 -14.78 2.23 47.39
CA PRO B 367 -14.91 3.48 46.63
C PRO B 367 -14.92 4.73 47.50
N PHE B 368 -14.73 5.89 46.87
CA PHE B 368 -14.67 7.16 47.56
C PHE B 368 -15.38 8.22 46.76
N ILE B 369 -15.48 9.41 47.36
CA ILE B 369 -16.13 10.54 46.73
C ILE B 369 -15.10 11.61 46.36
N GLU B 370 -15.26 12.18 45.18
CA GLU B 370 -14.36 13.21 44.68
C GLU B 370 -15.13 14.08 43.71
N ASN B 371 -15.18 15.37 44.00
CA ASN B 371 -15.89 16.35 43.19
C ASN B 371 -17.35 16.08 42.90
N GLY B 372 -18.06 15.52 43.86
CA GLY B 372 -19.48 15.30 43.68
C GLY B 372 -19.90 13.95 43.14
N ARG B 373 -18.96 13.06 42.91
CA ARG B 373 -19.34 11.74 42.41
C ARG B 373 -18.44 10.64 42.90
N TRP B 374 -18.99 9.43 42.90
CA TRP B 374 -18.24 8.28 43.37
C TRP B 374 -17.19 7.78 42.37
N TRP B 375 -16.17 7.14 42.91
CA TRP B 375 -15.08 6.58 42.13
C TRP B 375 -14.66 5.32 42.87
N ALA B 376 -14.11 4.35 42.13
CA ALA B 376 -13.67 3.11 42.76
C ALA B 376 -12.33 2.64 42.24
N PHE B 377 -11.50 2.13 43.14
CA PHE B 377 -10.20 1.60 42.76
C PHE B 377 -10.46 0.20 42.23
N GLU B 378 -9.92 -0.07 41.04
CA GLU B 378 -10.10 -1.36 40.40
C GLU B 378 -8.73 -1.98 40.11
N MET B 379 -8.72 -3.29 39.89
CA MET B 379 -7.50 -4.00 39.59
C MET B 379 -7.51 -4.46 38.13
N ARG B 380 -6.35 -4.41 37.48
CA ARG B 380 -6.24 -4.83 36.09
C ARG B 380 -5.98 -6.33 36.02
N LYS B 381 -6.14 -6.92 34.83
CA LYS B 381 -5.89 -8.34 34.65
C LYS B 381 -4.45 -8.57 34.16
N PHE B 382 -3.82 -7.50 33.70
CA PHE B 382 -2.45 -7.53 33.21
C PHE B 382 -1.82 -6.15 33.44
N THR B 383 -0.50 -6.10 33.60
CA THR B 383 0.17 -4.82 33.83
C THR B 383 1.18 -4.40 32.78
N THR B 384 1.36 -5.21 31.73
CA THR B 384 2.32 -4.83 30.70
C THR B 384 1.68 -4.91 29.33
N PRO B 385 2.29 -4.28 28.32
CA PRO B 385 1.76 -4.29 26.95
C PRO B 385 1.75 -5.72 26.38
N GLU B 386 2.84 -6.45 26.64
CA GLU B 386 2.98 -7.81 26.17
C GLU B 386 1.90 -8.72 26.73
N GLU B 387 1.70 -8.69 28.05
CA GLU B 387 0.68 -9.52 28.67
C GLU B 387 -0.69 -9.13 28.14
N GLY B 388 -0.88 -7.83 27.91
CA GLY B 388 -2.16 -7.36 27.39
C GLY B 388 -2.44 -7.94 26.01
N VAL B 389 -1.48 -7.76 25.10
CA VAL B 389 -1.66 -8.27 23.75
C VAL B 389 -1.75 -9.79 23.69
N ARG B 390 -1.04 -10.48 24.58
CA ARG B 390 -1.10 -11.93 24.57
C ARG B 390 -2.54 -12.31 24.82
N SER B 391 -3.14 -11.66 25.80
CA SER B 391 -4.52 -11.91 26.18
C SER B 391 -5.48 -11.56 25.05
N TYR B 392 -5.34 -10.35 24.53
CA TYR B 392 -6.17 -9.84 23.45
C TYR B 392 -6.11 -10.72 22.19
N ALA B 393 -4.91 -10.96 21.69
CA ALA B 393 -4.72 -11.77 20.50
C ALA B 393 -5.21 -13.20 20.66
N SER B 394 -5.22 -13.73 21.89
CA SER B 394 -5.69 -15.10 22.11
C SER B 394 -7.21 -15.17 22.06
N THR B 395 -7.85 -14.10 22.51
CA THR B 395 -9.30 -14.04 22.57
C THR B 395 -9.99 -13.33 21.40
N HIS B 396 -9.33 -12.32 20.82
CA HIS B 396 -9.90 -11.57 19.72
C HIS B 396 -9.24 -11.84 18.36
N TRP B 397 -8.72 -13.05 18.18
CA TRP B 397 -8.09 -13.41 16.93
C TRP B 397 -9.02 -13.23 15.74
N HIS B 398 -10.30 -13.49 15.96
CA HIS B 398 -11.26 -13.39 14.87
C HIS B 398 -11.48 -12.01 14.30
N THR B 399 -11.15 -10.98 15.06
CA THR B 399 -11.34 -9.63 14.55
C THR B 399 -10.09 -9.12 13.84
N LEU B 400 -9.04 -9.92 13.81
CA LEU B 400 -7.78 -9.51 13.20
C LEU B 400 -7.60 -9.91 11.74
N GLY B 401 -8.68 -9.89 10.98
CA GLY B 401 -8.61 -10.27 9.57
C GLY B 401 -8.90 -11.74 9.33
N LYS B 402 -9.71 -12.03 8.32
CA LYS B 402 -10.08 -13.42 7.99
C LYS B 402 -8.93 -14.43 8.05
N ASN B 403 -7.94 -14.24 7.20
CA ASN B 403 -6.83 -15.19 7.16
C ASN B 403 -5.81 -14.96 8.25
N VAL B 404 -5.41 -13.70 8.44
CA VAL B 404 -4.45 -13.36 9.47
C VAL B 404 -4.96 -13.82 10.83
N GLY B 405 -6.24 -13.59 11.09
CA GLY B 405 -6.82 -13.98 12.37
C GLY B 405 -6.79 -15.48 12.55
N GLU B 406 -7.22 -16.20 11.52
CA GLU B 406 -7.24 -17.66 11.58
C GLU B 406 -5.85 -18.22 11.86
N SER B 407 -4.82 -17.62 11.29
CA SER B 407 -3.46 -18.08 11.53
C SER B 407 -3.06 -17.81 12.98
N ILE B 408 -3.29 -16.58 13.44
CA ILE B 408 -2.97 -16.22 14.81
C ILE B 408 -3.71 -17.14 15.79
N ARG B 409 -4.90 -17.57 15.41
CA ARG B 409 -5.69 -18.48 16.24
C ARG B 409 -4.98 -19.83 16.44
N GLU B 410 -4.31 -20.33 15.41
CA GLU B 410 -3.61 -21.61 15.53
C GLU B 410 -2.20 -21.46 16.08
N TYR B 411 -1.65 -20.25 16.03
CA TYR B 411 -0.32 -20.00 16.57
C TYR B 411 0.19 -18.58 16.49
N PHE B 412 0.73 -18.09 17.60
CA PHE B 412 1.32 -16.76 17.64
C PHE B 412 2.18 -16.62 18.89
N GLU B 413 3.17 -15.75 18.83
CA GLU B 413 4.02 -15.52 19.97
C GLU B 413 4.43 -14.05 19.98
N ILE B 414 4.82 -13.57 21.16
CA ILE B 414 5.23 -12.19 21.31
C ILE B 414 6.72 -12.16 21.58
N ILE B 415 7.46 -11.51 20.68
CA ILE B 415 8.91 -11.43 20.83
C ILE B 415 9.30 -10.07 21.35
N SER B 416 10.33 -10.04 22.18
CA SER B 416 10.82 -8.80 22.76
C SER B 416 12.33 -8.87 22.89
N GLY B 417 12.88 -7.95 23.67
CA GLY B 417 14.32 -7.90 23.90
C GLY B 417 15.26 -8.39 22.83
N GLU B 418 16.36 -8.98 23.28
CA GLU B 418 17.40 -9.49 22.39
C GLU B 418 16.89 -10.45 21.31
N LYS B 419 15.99 -11.35 21.68
CA LYS B 419 15.45 -12.30 20.71
C LYS B 419 14.66 -11.64 19.58
N LEU B 420 14.24 -10.40 19.77
CA LEU B 420 13.48 -9.68 18.75
C LEU B 420 14.38 -9.04 17.70
N PHE B 421 15.55 -8.57 18.12
CA PHE B 421 16.50 -7.93 17.23
C PHE B 421 17.18 -8.89 16.26
N LYS B 422 16.87 -10.18 16.39
CA LYS B 422 17.43 -11.20 15.51
C LYS B 422 16.53 -11.43 14.31
N GLU B 423 15.22 -11.24 14.50
CA GLU B 423 14.24 -11.42 13.44
C GLU B 423 14.47 -10.42 12.32
N PRO B 424 13.89 -10.65 11.14
CA PRO B 424 14.01 -9.80 9.95
C PRO B 424 13.19 -8.52 10.00
N VAL B 425 13.12 -7.90 11.17
CA VAL B 425 12.30 -6.70 11.34
C VAL B 425 13.06 -5.42 11.70
N THR B 426 14.38 -5.53 11.74
CA THR B 426 15.22 -4.39 12.10
C THR B 426 14.96 -3.16 11.25
N ALA B 427 14.78 -3.35 9.95
CA ALA B 427 14.53 -2.24 9.04
C ALA B 427 13.27 -1.47 9.44
N GLU B 428 12.16 -2.20 9.53
CA GLU B 428 10.88 -1.61 9.89
C GLU B 428 10.97 -0.88 11.24
N LEU B 429 11.61 -1.50 12.22
CA LEU B 429 11.75 -0.89 13.55
C LEU B 429 12.51 0.44 13.46
N CYS B 430 13.64 0.45 12.78
CA CYS B 430 14.39 1.69 12.66
C CYS B 430 13.48 2.74 12.00
N GLU B 431 12.74 2.31 10.97
CA GLU B 431 11.84 3.22 10.28
C GLU B 431 10.78 3.74 11.23
N MET B 432 10.17 2.81 11.96
CA MET B 432 9.13 3.12 12.91
C MET B 432 9.55 4.11 14.00
N MET B 433 10.79 4.02 14.45
CA MET B 433 11.29 4.90 15.51
C MET B 433 11.96 6.16 14.98
N GLY B 434 12.07 6.27 13.67
CA GLY B 434 12.69 7.44 13.10
C GLY B 434 14.19 7.48 13.28
N VAL B 435 14.81 6.32 13.46
CA VAL B 435 16.26 6.29 13.62
C VAL B 435 16.85 6.87 12.34
N LYS B 436 17.62 7.94 12.44
CA LYS B 436 18.20 8.54 11.24
C LYS B 436 19.59 8.02 10.91
N ASP B 437 20.00 8.25 9.65
CA ASP B 437 21.30 7.83 9.11
C ASP B 437 21.07 7.12 7.77
#